data_4M3K
#
_entry.id   4M3K
#
_cell.length_a   51.818
_cell.length_b   42.940
_cell.length_c   74.818
_cell.angle_alpha   90.00
_cell.angle_beta   105.29
_cell.angle_gamma   90.00
#
_symmetry.space_group_name_H-M   'P 1 21 1'
#
loop_
_entity.id
_entity.type
_entity.pdbx_description
1 polymer Beta-lactamase
2 polymer 'Camelid heavy-chain antibody variable fragment cAb-H7S'
3 non-polymer 'CHLORIDE ION'
4 water water
#
loop_
_entity_poly.entity_id
_entity_poly.type
_entity_poly.pdbx_seq_one_letter_code
_entity_poly.pdbx_strand_id
1 'polypeptide(L)'
;TEMKDDFAKLEEQFDAKLGIFALDTGTNRTVAYRPDERFAFASTIKALTVGVLLQQKSIEDLNQRITYTRDDLVNYNPIT
EKHVDTGMTLKELADASLRYSDNAAQNLILKQIGGPESLKKELRKIGDEVTNPERFEPELNEVNPGETQDTSTARALVTS
LRAFALEDPGKLPSEKRELLIDWMKRNTTGDALIRAGVPDGWEVADKTGAASYGTRNDIAIIWPPKGDPVVLAVLSSRDK
KDAKYDDKLIAEATKVVMKALNMNGKGPHHHHH
;
A
2 'polypeptide(L)'
;QVQLQESGGGLVQPGGSLRLSCAASGSISSITTMGWYRQDPGKGRELVALINSVGDTTYAGSVKGRFTISRDNAKNTVYL
EMSSLKPEDTAVYYCNAFMSTNSGRTGSFWGQGTQVTVSSHHHHHH
;
B
#
loop_
_chem_comp.id
_chem_comp.type
_chem_comp.name
_chem_comp.formula
CL non-polymer 'CHLORIDE ION' 'Cl -1'
#
# COMPACT_ATOMS: atom_id res chain seq x y z
N MET A 3 30.39 -8.63 -2.21
CA MET A 3 30.24 -9.90 -2.96
C MET A 3 29.45 -9.59 -4.24
N LYS A 4 29.94 -8.58 -4.95
CA LYS A 4 29.26 -8.05 -6.14
C LYS A 4 29.15 -9.09 -7.24
N ASP A 5 30.26 -9.79 -7.50
CA ASP A 5 30.23 -10.87 -8.50
C ASP A 5 29.26 -12.00 -8.11
N ASP A 6 29.13 -12.26 -6.79
CA ASP A 6 28.16 -13.27 -6.30
C ASP A 6 26.72 -12.88 -6.64
N PHE A 7 26.35 -11.62 -6.39
CA PHE A 7 25.03 -11.19 -6.74
C PHE A 7 24.83 -11.11 -8.22
N ALA A 8 25.85 -10.71 -8.99
CA ALA A 8 25.71 -10.66 -10.45
C ALA A 8 25.45 -12.06 -11.00
N LYS A 9 26.13 -13.06 -10.44
CA LYS A 9 25.98 -14.46 -10.85
C LYS A 9 24.55 -14.92 -10.56
N LEU A 10 24.02 -14.59 -9.39
CA LEU A 10 22.62 -14.94 -9.07
C LEU A 10 21.64 -14.34 -10.01
N GLU A 11 21.82 -13.05 -10.32
CA GLU A 11 20.98 -12.31 -11.25
C GLU A 11 20.86 -13.07 -12.55
N GLU A 12 22.00 -13.47 -13.06
CA GLU A 12 22.01 -14.15 -14.33
C GLU A 12 21.33 -15.52 -14.29
N GLN A 13 21.48 -16.24 -13.18
CA GLN A 13 20.88 -17.57 -13.03
C GLN A 13 19.37 -17.55 -13.04
N PHE A 14 18.77 -16.41 -12.64
CA PHE A 14 17.31 -16.30 -12.52
C PHE A 14 16.73 -15.30 -13.50
N ASP A 15 17.54 -14.91 -14.48
CA ASP A 15 17.13 -13.95 -15.50
C ASP A 15 16.46 -12.70 -14.86
N ALA A 16 17.13 -12.10 -13.89
CA ALA A 16 16.53 -11.06 -13.05
C ALA A 16 17.57 -9.99 -12.68
N LYS A 17 17.04 -8.93 -12.11
CA LYS A 17 17.86 -7.85 -11.53
C LYS A 17 17.57 -7.77 -10.03
N LEU A 18 18.60 -7.64 -9.22
CA LEU A 18 18.50 -7.58 -7.77
C LEU A 18 18.79 -6.19 -7.24
N GLY A 19 18.06 -5.87 -6.19
CA GLY A 19 18.39 -4.70 -5.35
C GLY A 19 18.47 -5.17 -3.92
N ILE A 20 19.64 -4.95 -3.27
CA ILE A 20 19.87 -5.51 -1.95
C ILE A 20 20.45 -4.47 -0.99
N PHE A 21 19.92 -4.39 0.22
CA PHE A 21 20.62 -3.63 1.27
C PHE A 21 20.39 -4.37 2.57
N ALA A 22 21.44 -4.56 3.38
CA ALA A 22 21.30 -5.23 4.66
C ALA A 22 22.20 -4.49 5.61
N LEU A 23 21.70 -4.34 6.82
CA LEU A 23 22.37 -3.55 7.83
C LEU A 23 22.34 -4.39 9.09
N ASP A 24 23.54 -4.70 9.61
CA ASP A 24 23.63 -5.25 10.94
C ASP A 24 23.51 -4.08 11.93
N THR A 25 22.48 -4.11 12.76
CA THR A 25 22.20 -2.96 13.60
C THR A 25 23.13 -2.89 14.79
N GLY A 26 23.87 -3.97 15.05
CA GLY A 26 24.85 -3.99 16.16
C GLY A 26 26.13 -3.29 15.78
N THR A 27 26.53 -3.38 14.51
CA THR A 27 27.88 -2.90 14.11
C THR A 27 27.81 -1.87 12.97
N ASN A 28 26.62 -1.75 12.37
CA ASN A 28 26.46 -1.01 11.13
C ASN A 28 27.15 -1.60 9.92
N ARG A 29 27.64 -2.85 10.01
CA ARG A 29 28.16 -3.51 8.80
C ARG A 29 26.99 -3.64 7.80
N THR A 30 27.30 -3.39 6.54
CA THR A 30 26.29 -3.39 5.48
C THR A 30 26.72 -4.31 4.37
N VAL A 31 25.69 -4.81 3.69
CA VAL A 31 25.86 -5.49 2.43
C VAL A 31 24.99 -4.71 1.47
N ALA A 32 25.42 -4.32 0.23
CA ALA A 32 24.69 -3.51 -0.73
C ALA A 32 24.94 -4.02 -2.12
N TYR A 33 23.90 -4.04 -2.93
CA TYR A 33 24.07 -4.36 -4.32
C TYR A 33 22.92 -3.62 -5.00
N ARG A 34 23.24 -2.62 -5.82
CA ARG A 34 22.20 -1.73 -6.41
C ARG A 34 21.25 -1.25 -5.32
N PRO A 35 21.80 -0.78 -4.18
CA PRO A 35 20.91 -0.45 -3.04
C PRO A 35 20.04 0.77 -3.29
N ASP A 36 20.41 1.60 -4.30
CA ASP A 36 19.66 2.86 -4.58
C ASP A 36 18.85 2.81 -5.87
N GLU A 37 18.77 1.62 -6.42
CA GLU A 37 18.00 1.37 -7.64
C GLU A 37 16.49 1.20 -7.32
N ARG A 38 15.66 1.91 -8.04
CA ARG A 38 14.21 1.79 -7.81
C ARG A 38 13.60 0.48 -8.33
N PHE A 39 12.75 -0.10 -7.47
CA PHE A 39 11.86 -1.21 -7.79
C PHE A 39 10.47 -0.87 -7.31
N ALA A 40 9.45 -1.41 -7.98
CA ALA A 40 8.09 -1.37 -7.47
C ALA A 40 8.13 -1.97 -6.08
N PHE A 41 7.62 -1.25 -5.08
CA PHE A 41 7.67 -1.79 -3.73
C PHE A 41 6.65 -2.91 -3.51
N ALA A 42 5.54 -2.90 -4.28
CA ALA A 42 4.49 -3.93 -4.23
C ALA A 42 4.00 -4.00 -2.79
N SER A 43 3.71 -5.20 -2.28
CA SER A 43 3.03 -5.26 -0.98
C SER A 43 3.95 -5.00 0.22
N THR A 44 5.24 -4.76 -0.04
CA THR A 44 6.13 -4.41 1.09
C THR A 44 5.66 -3.11 1.72
N ILE A 45 4.95 -2.27 0.93
CA ILE A 45 4.39 -1.01 1.46
C ILE A 45 3.39 -1.23 2.60
N LYS A 46 2.83 -2.45 2.67
CA LYS A 46 1.86 -2.74 3.75
C LYS A 46 2.49 -2.63 5.11
N ALA A 47 3.78 -2.97 5.24
CA ALA A 47 4.46 -2.91 6.55
C ALA A 47 4.62 -1.44 6.94
N LEU A 48 4.98 -0.58 5.99
CA LEU A 48 5.14 0.86 6.32
C LEU A 48 3.82 1.54 6.57
N THR A 49 2.76 1.08 5.90
CA THR A 49 1.43 1.63 6.12
C THR A 49 0.98 1.33 7.54
N VAL A 50 1.17 0.09 7.98
CA VAL A 50 0.85 -0.25 9.38
C VAL A 50 1.73 0.57 10.36
N GLY A 51 3.01 0.77 10.03
CA GLY A 51 3.87 1.60 10.89
C GLY A 51 3.21 2.96 11.10
N VAL A 52 2.67 3.54 10.03
CA VAL A 52 2.06 4.87 10.12
C VAL A 52 0.74 4.78 10.89
N LEU A 53 -0.05 3.76 10.62
CA LEU A 53 -1.26 3.56 11.40
C LEU A 53 -0.96 3.54 12.91
N LEU A 54 0.08 2.80 13.29
CA LEU A 54 0.46 2.68 14.69
C LEU A 54 1.00 3.98 15.31
N GLN A 55 1.58 4.87 14.49
CA GLN A 55 1.96 6.16 15.04
C GLN A 55 0.75 7.00 15.38
N GLN A 56 -0.34 6.77 14.66
CA GLN A 56 -1.52 7.63 14.70
C GLN A 56 -2.63 7.15 15.59
N LYS A 57 -2.57 5.84 16.05
CA LYS A 57 -3.67 5.25 16.79
C LYS A 57 -3.18 4.59 18.03
N SER A 58 -3.94 4.78 19.09
CA SER A 58 -3.72 4.04 20.30
C SER A 58 -4.03 2.55 20.08
N ILE A 59 -3.44 1.67 20.91
CA ILE A 59 -3.80 0.27 20.90
C ILE A 59 -5.35 0.10 21.06
N GLU A 60 -5.99 0.86 21.97
CA GLU A 60 -7.43 0.77 22.13
C GLU A 60 -8.18 1.17 20.84
N ASP A 61 -7.70 2.22 20.18
CA ASP A 61 -8.33 2.69 18.97
C ASP A 61 -8.20 1.71 17.78
N LEU A 62 -7.25 0.80 17.87
CA LEU A 62 -7.16 -0.27 16.87
C LEU A 62 -8.32 -1.24 16.98
N ASN A 63 -9.05 -1.21 18.12
CA ASN A 63 -10.24 -2.05 18.24
C ASN A 63 -11.47 -1.46 17.57
N GLN A 64 -11.33 -0.26 16.97
CA GLN A 64 -12.50 0.29 16.23
C GLN A 64 -12.86 -0.65 15.08
N ARG A 65 -14.14 -1.05 14.98
CA ARG A 65 -14.60 -1.89 13.89
C ARG A 65 -14.81 -0.99 12.67
N ILE A 66 -14.33 -1.43 11.52
CA ILE A 66 -14.43 -0.70 10.27
C ILE A 66 -15.41 -1.47 9.42
N THR A 67 -16.52 -0.84 9.09
CA THR A 67 -17.45 -1.46 8.18
C THR A 67 -17.02 -1.22 6.74
N TYR A 68 -17.40 -2.12 5.85
CA TYR A 68 -17.06 -1.99 4.42
C TYR A 68 -17.99 -2.82 3.62
N THR A 69 -17.86 -2.75 2.30
CA THR A 69 -18.87 -3.43 1.44
C THR A 69 -18.12 -4.17 0.35
N ARG A 70 -18.87 -4.85 -0.50
CA ARG A 70 -18.23 -5.48 -1.64
C ARG A 70 -17.57 -4.51 -2.63
N ASP A 71 -17.91 -3.21 -2.55
CA ASP A 71 -17.26 -2.18 -3.37
C ASP A 71 -15.80 -2.04 -2.95
N ASP A 72 -15.45 -2.42 -1.70
CA ASP A 72 -14.07 -2.31 -1.21
C ASP A 72 -13.24 -3.49 -1.61
N LEU A 73 -13.84 -4.57 -2.06
CA LEU A 73 -13.08 -5.75 -2.44
C LEU A 73 -12.36 -5.52 -3.76
N VAL A 74 -11.13 -5.98 -3.84
CA VAL A 74 -10.37 -5.84 -5.05
C VAL A 74 -10.01 -7.23 -5.59
N ASN A 75 -8.78 -7.42 -6.03
CA ASN A 75 -8.38 -8.64 -6.74
C ASN A 75 -7.99 -9.77 -5.80
N TYR A 76 -7.63 -9.44 -4.57
CA TYR A 76 -7.14 -10.45 -3.66
C TYR A 76 -7.51 -10.06 -2.22
N ASN A 77 -8.50 -10.75 -1.66
CA ASN A 77 -9.13 -10.33 -0.43
C ASN A 77 -9.30 -11.58 0.46
N PRO A 78 -8.23 -12.33 0.75
CA PRO A 78 -8.37 -13.66 1.39
C PRO A 78 -9.13 -13.60 2.73
N ILE A 79 -8.88 -12.53 3.52
CA ILE A 79 -9.54 -12.37 4.81
C ILE A 79 -10.78 -11.50 4.69
N THR A 80 -10.62 -10.36 4.02
CA THR A 80 -11.71 -9.36 4.00
C THR A 80 -12.94 -9.85 3.30
N GLU A 81 -12.78 -10.73 2.33
CA GLU A 81 -14.00 -11.24 1.68
C GLU A 81 -14.92 -11.99 2.63
N LYS A 82 -14.37 -12.50 3.73
CA LYS A 82 -15.11 -13.31 4.70
C LYS A 82 -15.94 -12.47 5.68
N HIS A 83 -15.63 -11.17 5.77
CA HIS A 83 -16.22 -10.32 6.81
C HIS A 83 -16.93 -9.11 6.33
N VAL A 84 -17.37 -9.12 5.07
CA VAL A 84 -18.14 -7.97 4.54
C VAL A 84 -19.34 -7.57 5.38
N ASP A 85 -20.07 -8.57 5.87
CA ASP A 85 -21.28 -8.34 6.65
C ASP A 85 -21.08 -7.71 8.03
N THR A 86 -19.96 -8.05 8.67
CA THR A 86 -19.70 -7.54 10.01
C THR A 86 -18.66 -6.43 10.08
N GLY A 87 -17.78 -6.35 9.10
CA GLY A 87 -16.62 -5.46 9.26
C GLY A 87 -15.49 -6.14 9.96
N MET A 88 -14.41 -5.39 10.05
CA MET A 88 -13.17 -5.86 10.72
C MET A 88 -12.59 -4.71 11.52
N THR A 89 -12.01 -5.04 12.66
CA THR A 89 -11.31 -3.95 13.36
C THR A 89 -9.98 -3.51 12.68
N LEU A 90 -9.52 -2.32 13.01
CA LEU A 90 -8.21 -1.92 12.50
C LEU A 90 -7.08 -2.94 12.83
N LYS A 91 -7.14 -3.51 14.04
CA LYS A 91 -6.22 -4.57 14.43
C LYS A 91 -6.33 -5.74 13.45
N GLU A 92 -7.56 -6.18 13.18
CA GLU A 92 -7.76 -7.34 12.33
C GLU A 92 -7.34 -7.02 10.88
N LEU A 93 -7.63 -5.80 10.43
CA LEU A 93 -7.21 -5.38 9.07
C LEU A 93 -5.67 -5.37 8.98
N ALA A 94 -4.96 -4.91 10.01
CA ALA A 94 -3.53 -4.88 9.99
C ALA A 94 -2.99 -6.33 9.97
N ASP A 95 -3.59 -7.19 10.82
CA ASP A 95 -3.21 -8.60 10.79
C ASP A 95 -3.38 -9.21 9.35
N ALA A 96 -4.57 -9.01 8.74
CA ALA A 96 -4.82 -9.51 7.36
C ALA A 96 -3.86 -8.94 6.31
N SER A 97 -3.65 -7.63 6.40
CA SER A 97 -2.72 -6.98 5.48
C SER A 97 -1.31 -7.54 5.59
N LEU A 98 -0.80 -7.63 6.81
CA LEU A 98 0.61 -8.03 6.97
C LEU A 98 0.81 -9.55 6.83
N ARG A 99 -0.14 -10.36 7.34
CA ARG A 99 0.12 -11.77 7.41
C ARG A 99 -0.39 -12.54 6.21
N TYR A 100 -1.40 -11.97 5.55
CA TYR A 100 -1.94 -12.60 4.33
C TYR A 100 -1.76 -11.74 3.08
N SER A 101 -1.25 -10.53 3.24
CA SER A 101 -1.15 -9.61 2.09
C SER A 101 -2.51 -9.33 1.47
N ASP A 102 -3.49 -9.18 2.34
CA ASP A 102 -4.86 -8.90 1.89
C ASP A 102 -4.90 -7.49 1.31
N ASN A 103 -5.30 -7.36 0.05
CA ASN A 103 -5.24 -6.06 -0.64
C ASN A 103 -6.32 -5.08 -0.16
N ALA A 104 -7.56 -5.56 0.01
CA ALA A 104 -8.59 -4.68 0.48
C ALA A 104 -8.26 -4.17 1.88
N ALA A 105 -7.70 -5.06 2.72
CA ALA A 105 -7.26 -4.60 4.06
C ALA A 105 -6.28 -3.41 4.01
N GLN A 106 -5.27 -3.49 3.14
CA GLN A 106 -4.33 -2.39 2.96
C GLN A 106 -5.07 -1.13 2.53
N ASN A 107 -6.04 -1.29 1.60
CA ASN A 107 -6.69 -0.10 1.09
C ASN A 107 -7.55 0.59 2.16
N LEU A 108 -8.18 -0.22 3.01
CA LEU A 108 -8.98 0.36 4.07
C LEU A 108 -8.11 1.09 5.07
N ILE A 109 -6.98 0.48 5.45
CA ILE A 109 -6.06 1.15 6.34
C ILE A 109 -5.54 2.44 5.68
N LEU A 110 -5.18 2.34 4.41
CA LEU A 110 -4.68 3.52 3.72
C LEU A 110 -5.71 4.67 3.73
N LYS A 111 -6.99 4.35 3.53
CA LYS A 111 -8.06 5.36 3.61
C LYS A 111 -8.19 5.91 5.01
N GLN A 112 -8.08 5.06 6.02
CA GLN A 112 -8.11 5.50 7.41
CA GLN A 112 -8.16 5.56 7.40
C GLN A 112 -7.07 6.60 7.69
N ILE A 113 -5.88 6.45 7.11
N ILE A 113 -5.90 6.41 7.10
CA ILE A 113 -4.80 7.38 7.41
CA ILE A 113 -4.74 7.27 7.28
C ILE A 113 -4.77 8.61 6.50
C ILE A 113 -4.80 8.58 6.51
N GLY A 114 -5.67 8.64 5.51
CA GLY A 114 -5.80 9.81 4.60
C GLY A 114 -5.44 9.57 3.15
N GLY A 115 -5.15 8.31 2.80
CA GLY A 115 -4.79 7.95 1.44
C GLY A 115 -3.31 7.98 1.13
N PRO A 116 -2.95 7.70 -0.14
CA PRO A 116 -1.53 7.58 -0.47
C PRO A 116 -0.75 8.88 -0.24
N GLU A 117 -1.38 10.05 -0.42
CA GLU A 117 -0.64 11.29 -0.18
C GLU A 117 -0.32 11.51 1.32
N SER A 118 -1.22 11.04 2.18
CA SER A 118 -0.97 11.13 3.62
C SER A 118 0.12 10.15 4.03
N LEU A 119 0.10 8.93 3.49
CA LEU A 119 1.15 7.98 3.75
C LEU A 119 2.51 8.59 3.31
N LYS A 120 2.55 9.21 2.13
CA LYS A 120 3.79 9.81 1.67
C LYS A 120 4.28 10.88 2.64
N LYS A 121 3.39 11.75 3.11
CA LYS A 121 3.75 12.83 4.05
C LYS A 121 4.36 12.24 5.31
N GLU A 122 3.77 11.17 5.80
CA GLU A 122 4.25 10.58 7.07
C GLU A 122 5.59 9.89 6.88
N LEU A 123 5.81 9.29 5.70
CA LEU A 123 7.11 8.71 5.41
C LEU A 123 8.19 9.80 5.28
N ARG A 124 7.86 10.90 4.58
CA ARG A 124 8.81 12.02 4.52
C ARG A 124 9.15 12.52 5.91
N LYS A 125 8.17 12.53 6.82
CA LYS A 125 8.39 13.07 8.17
C LYS A 125 9.42 12.20 8.93
N ILE A 126 9.45 10.88 8.69
CA ILE A 126 10.49 10.01 9.33
C ILE A 126 11.84 10.01 8.62
N GLY A 127 11.95 10.79 7.54
CA GLY A 127 13.19 10.95 6.78
C GLY A 127 13.32 10.09 5.53
N ASP A 128 12.23 9.45 5.09
CA ASP A 128 12.28 8.65 3.88
C ASP A 128 11.92 9.58 2.73
N GLU A 129 12.93 9.98 1.97
CA GLU A 129 12.75 10.92 0.84
C GLU A 129 12.56 10.16 -0.48
N VAL A 130 12.57 8.84 -0.42
CA VAL A 130 12.69 7.97 -1.58
C VAL A 130 11.37 7.25 -1.91
N THR A 131 10.74 6.61 -0.92
CA THR A 131 9.55 5.84 -1.14
C THR A 131 8.42 6.74 -1.66
N ASN A 132 7.78 6.31 -2.76
CA ASN A 132 6.80 7.12 -3.48
CA ASN A 132 6.76 7.15 -3.43
C ASN A 132 5.38 6.50 -3.53
N PRO A 133 4.64 6.50 -2.42
CA PRO A 133 3.25 6.00 -2.48
C PRO A 133 2.41 6.90 -3.36
N GLU A 134 1.58 6.27 -4.20
CA GLU A 134 0.75 7.03 -5.16
C GLU A 134 -0.59 6.41 -5.32
N ARG A 135 -0.63 5.08 -5.33
CA ARG A 135 -1.84 4.35 -5.72
C ARG A 135 -2.28 3.34 -4.65
N PHE A 136 -3.54 2.92 -4.81
CA PHE A 136 -4.09 1.84 -3.98
C PHE A 136 -3.78 0.50 -4.59
N GLU A 137 -4.03 -0.56 -3.84
CA GLU A 137 -3.95 -1.92 -4.37
C GLU A 137 -5.15 -2.20 -5.27
N PRO A 138 -4.95 -2.94 -6.39
CA PRO A 138 -3.70 -3.52 -6.88
C PRO A 138 -3.02 -2.66 -7.93
N GLU A 139 -3.59 -1.48 -8.21
CA GLU A 139 -3.04 -0.61 -9.26
C GLU A 139 -1.56 -0.26 -8.96
N LEU A 140 -1.18 -0.23 -7.69
CA LEU A 140 0.20 0.10 -7.34
C LEU A 140 1.22 -0.95 -7.82
N ASN A 141 0.76 -2.10 -8.22
CA ASN A 141 1.64 -3.14 -8.74
C ASN A 141 1.97 -2.94 -10.22
N GLU A 142 1.29 -1.99 -10.84
CA GLU A 142 1.46 -1.77 -12.29
C GLU A 142 2.49 -0.66 -12.48
N VAL A 143 3.72 -1.07 -12.36
CA VAL A 143 4.87 -0.17 -12.51
C VAL A 143 5.70 -0.62 -13.72
N ASN A 144 5.91 0.28 -14.68
CA ASN A 144 6.82 0.01 -15.80
C ASN A 144 8.21 0.40 -15.38
N PRO A 145 9.26 -0.40 -15.74
CA PRO A 145 10.56 -0.06 -15.13
C PRO A 145 11.08 1.28 -15.60
N GLY A 146 11.54 2.11 -14.66
CA GLY A 146 11.95 3.46 -14.98
C GLY A 146 11.03 4.45 -14.30
N GLU A 147 9.75 4.08 -14.19
CA GLU A 147 8.78 4.89 -13.47
C GLU A 147 9.18 5.06 -11.99
N THR A 148 8.76 6.16 -11.39
CA THR A 148 9.04 6.36 -9.95
C THR A 148 7.78 6.17 -9.09
N GLN A 149 6.60 6.23 -9.68
CA GLN A 149 5.39 6.02 -8.87
C GLN A 149 5.37 4.61 -8.26
N ASP A 150 5.08 4.55 -6.97
CA ASP A 150 4.93 3.29 -6.23
C ASP A 150 6.22 2.49 -6.22
N THR A 151 7.34 3.20 -6.17
CA THR A 151 8.65 2.55 -6.11
C THR A 151 9.37 2.97 -4.83
N SER A 152 10.35 2.16 -4.46
CA SER A 152 11.31 2.57 -3.45
C SER A 152 12.60 1.88 -3.79
N THR A 153 13.54 1.94 -2.86
CA THR A 153 14.85 1.29 -3.06
C THR A 153 15.11 0.35 -1.89
N ALA A 154 16.10 -0.53 -2.05
CA ALA A 154 16.39 -1.46 -0.95
C ALA A 154 16.81 -0.68 0.28
N ARG A 155 17.71 0.29 0.08
CA ARG A 155 18.20 1.10 1.19
C ARG A 155 17.07 1.85 1.92
N ALA A 156 16.12 2.40 1.15
CA ALA A 156 15.09 3.22 1.76
C ALA A 156 14.11 2.35 2.53
N LEU A 157 13.79 1.19 1.97
CA LEU A 157 12.83 0.31 2.64
C LEU A 157 13.43 -0.26 3.92
N VAL A 158 14.75 -0.59 3.91
CA VAL A 158 15.39 -1.00 5.16
C VAL A 158 15.35 0.11 6.21
N THR A 159 15.68 1.32 5.77
CA THR A 159 15.73 2.46 6.69
C THR A 159 14.37 2.73 7.33
N SER A 160 13.32 2.67 6.55
CA SER A 160 11.98 2.90 7.06
C SER A 160 11.47 1.76 7.92
N LEU A 161 11.71 0.54 7.48
CA LEU A 161 11.30 -0.61 8.30
C LEU A 161 12.02 -0.57 9.66
N ARG A 162 13.34 -0.34 9.67
CA ARG A 162 14.09 -0.20 10.92
C ARG A 162 13.51 0.92 11.81
N ALA A 163 13.22 2.08 11.21
CA ALA A 163 12.62 3.20 11.95
C ALA A 163 11.35 2.82 12.71
N PHE A 164 10.44 2.05 12.11
CA PHE A 164 9.24 1.70 12.82
C PHE A 164 9.44 0.54 13.79
N ALA A 165 10.26 -0.42 13.40
CA ALA A 165 10.27 -1.69 14.12
C ALA A 165 11.23 -1.74 15.28
N LEU A 166 12.32 -0.94 15.24
CA LEU A 166 13.36 -1.03 16.26
C LEU A 166 13.46 0.22 17.13
N GLU A 167 13.99 0.06 18.35
CA GLU A 167 14.00 1.11 19.37
C GLU A 167 14.94 2.26 18.98
N ASP A 168 15.96 1.91 18.21
CA ASP A 168 16.81 2.91 17.59
C ASP A 168 16.55 2.79 16.09
N PRO A 169 16.08 3.88 15.44
CA PRO A 169 15.83 5.24 16.00
C PRO A 169 14.53 5.33 16.80
N GLY A 170 13.60 4.32 16.82
CA GLY A 170 12.37 4.35 17.55
C GLY A 170 11.29 5.32 17.10
N LYS A 171 10.69 5.11 15.93
CA LYS A 171 9.57 5.94 15.50
C LYS A 171 8.22 5.40 15.97
N LEU A 172 8.23 4.28 16.70
CA LEU A 172 7.03 3.79 17.42
C LEU A 172 7.42 3.57 18.87
N PRO A 173 6.45 3.69 19.79
CA PRO A 173 6.72 3.32 21.16
C PRO A 173 6.81 1.81 21.30
N SER A 174 7.28 1.33 22.44
CA SER A 174 7.61 -0.10 22.58
CA SER A 174 7.60 -0.10 22.60
C SER A 174 6.46 -1.08 22.34
N GLU A 175 5.26 -0.79 22.88
CA GLU A 175 4.13 -1.73 22.79
C GLU A 175 3.70 -1.80 21.36
N LYS A 176 3.85 -0.68 20.64
CA LYS A 176 3.44 -0.68 19.23
C LYS A 176 4.45 -1.35 18.32
N ARG A 177 5.72 -1.17 18.64
CA ARG A 177 6.84 -1.88 17.95
C ARG A 177 6.56 -3.37 18.03
N GLU A 178 6.21 -3.80 19.25
CA GLU A 178 6.02 -5.23 19.53
C GLU A 178 4.90 -5.78 18.69
N LEU A 179 3.82 -5.00 18.52
CA LEU A 179 2.72 -5.44 17.69
C LEU A 179 3.15 -5.63 16.24
N LEU A 180 3.84 -4.63 15.68
CA LEU A 180 4.27 -4.71 14.31
C LEU A 180 5.18 -5.94 14.15
N ILE A 181 6.17 -6.07 15.04
CA ILE A 181 7.07 -7.23 14.93
C ILE A 181 6.33 -8.58 15.02
N ASP A 182 5.40 -8.68 15.96
CA ASP A 182 4.60 -9.90 16.12
C ASP A 182 3.83 -10.26 14.83
N TRP A 183 3.19 -9.27 14.21
CA TRP A 183 2.49 -9.55 12.99
C TRP A 183 3.45 -10.05 11.93
N MET A 184 4.59 -9.36 11.76
CA MET A 184 5.54 -9.68 10.70
C MET A 184 6.21 -11.06 10.97
N LYS A 185 6.44 -11.36 12.23
CA LYS A 185 7.01 -12.67 12.61
C LYS A 185 6.05 -13.80 12.24
N ARG A 186 4.74 -13.52 12.28
CA ARG A 186 3.68 -14.53 12.02
C ARG A 186 3.18 -14.42 10.57
N ASN A 187 3.93 -13.74 9.70
CA ASN A 187 3.55 -13.68 8.28
C ASN A 187 3.39 -15.08 7.71
N THR A 188 2.38 -15.27 6.86
CA THR A 188 2.18 -16.61 6.23
C THR A 188 2.75 -16.72 4.83
N THR A 189 3.18 -15.60 4.25
CA THR A 189 3.49 -15.61 2.80
C THR A 189 4.99 -15.68 2.43
N GLY A 190 5.89 -15.69 3.43
CA GLY A 190 7.33 -15.50 3.14
C GLY A 190 8.23 -16.70 3.36
N ASP A 191 7.68 -17.91 3.51
CA ASP A 191 8.54 -19.04 3.96
C ASP A 191 9.62 -19.42 2.95
N ALA A 192 9.41 -19.08 1.68
CA ALA A 192 10.38 -19.46 0.60
C ALA A 192 11.34 -18.33 0.27
N LEU A 193 11.23 -17.21 1.00
CA LEU A 193 12.03 -16.02 0.72
CA LEU A 193 12.05 -16.01 0.70
C LEU A 193 13.17 -15.83 1.73
N ILE A 194 13.20 -14.70 2.46
CA ILE A 194 14.32 -14.43 3.36
C ILE A 194 14.41 -15.57 4.38
N ARG A 195 13.26 -16.09 4.82
CA ARG A 195 13.25 -17.15 5.85
CA ARG A 195 13.23 -17.17 5.83
C ARG A 195 14.03 -18.39 5.40
N ALA A 196 13.96 -18.68 4.10
CA ALA A 196 14.65 -19.84 3.54
C ALA A 196 16.15 -19.63 3.35
N GLY A 197 16.67 -18.41 3.61
CA GLY A 197 18.10 -18.17 3.39
C GLY A 197 18.78 -17.78 4.66
N VAL A 198 18.13 -17.81 5.81
CA VAL A 198 18.85 -17.47 7.05
C VAL A 198 19.36 -18.73 7.74
N PRO A 199 20.41 -18.59 8.58
CA PRO A 199 20.94 -19.72 9.28
C PRO A 199 19.96 -20.32 10.28
N ASP A 200 20.24 -21.55 10.63
CA ASP A 200 19.50 -22.28 11.62
C ASP A 200 19.36 -21.42 12.89
N GLY A 201 18.17 -21.41 13.49
CA GLY A 201 17.96 -20.66 14.75
C GLY A 201 17.70 -19.16 14.66
N TRP A 202 17.82 -18.54 13.48
CA TRP A 202 17.49 -17.11 13.33
C TRP A 202 15.99 -16.90 13.28
N GLU A 203 15.49 -15.90 13.98
CA GLU A 203 14.07 -15.59 13.87
C GLU A 203 13.86 -14.53 12.79
N VAL A 204 12.69 -14.53 12.18
CA VAL A 204 12.45 -13.66 11.02
C VAL A 204 11.08 -13.01 11.11
N ALA A 205 11.07 -11.70 10.83
CA ALA A 205 9.83 -10.93 10.74
C ALA A 205 9.89 -10.25 9.38
N ASP A 206 9.03 -10.70 8.46
CA ASP A 206 9.19 -10.21 7.07
C ASP A 206 7.85 -9.75 6.44
N LYS A 207 7.97 -8.99 5.35
CA LYS A 207 6.77 -8.73 4.51
C LYS A 207 7.20 -8.87 3.06
N THR A 208 6.38 -9.62 2.31
CA THR A 208 6.65 -9.94 0.89
C THR A 208 5.96 -8.98 -0.04
N GLY A 209 6.37 -8.97 -1.30
CA GLY A 209 5.50 -8.39 -2.33
C GLY A 209 5.80 -8.98 -3.69
N ALA A 210 4.88 -8.81 -4.61
CA ALA A 210 5.05 -9.23 -6.00
C ALA A 210 4.29 -8.23 -6.86
N ALA A 211 4.84 -7.91 -8.01
CA ALA A 211 4.32 -6.88 -8.87
C ALA A 211 4.69 -7.16 -10.31
N SER A 212 4.27 -6.14 -11.25
CA SER A 212 4.49 -6.33 -12.67
CA SER A 212 4.49 -6.46 -12.65
C SER A 212 5.97 -6.52 -12.97
N TYR A 213 6.27 -7.02 -14.15
CA TYR A 213 7.67 -7.27 -14.58
C TYR A 213 8.35 -8.27 -13.65
N GLY A 214 7.59 -9.25 -13.15
CA GLY A 214 8.18 -10.33 -12.36
C GLY A 214 8.82 -9.81 -11.09
N THR A 215 8.31 -8.70 -10.54
CA THR A 215 8.89 -8.13 -9.33
C THR A 215 8.58 -9.02 -8.14
N ARG A 216 9.59 -9.31 -7.36
CA ARG A 216 9.42 -10.18 -6.22
C ARG A 216 10.33 -9.67 -5.13
N ASN A 217 9.72 -9.26 -4.01
CA ASN A 217 10.47 -8.57 -2.95
C ASN A 217 10.24 -9.20 -1.59
N ASP A 218 11.18 -9.00 -0.68
CA ASP A 218 10.94 -9.35 0.74
C ASP A 218 11.76 -8.41 1.56
N ILE A 219 11.17 -7.86 2.59
CA ILE A 219 11.90 -7.03 3.57
C ILE A 219 11.71 -7.65 4.94
N ALA A 220 12.75 -7.56 5.78
CA ALA A 220 12.64 -8.28 7.04
C ALA A 220 13.56 -7.69 8.08
N ILE A 221 13.17 -8.00 9.33
CA ILE A 221 14.10 -7.91 10.48
C ILE A 221 14.39 -9.36 10.87
N ILE A 222 15.68 -9.67 11.02
CA ILE A 222 16.10 -11.01 11.39
C ILE A 222 16.98 -10.97 12.64
N TRP A 223 16.76 -11.93 13.55
CA TRP A 223 17.52 -11.96 14.81
C TRP A 223 18.35 -13.19 14.96
N PRO A 224 19.63 -13.01 15.29
CA PRO A 224 20.44 -14.17 15.56
C PRO A 224 20.03 -14.74 16.90
N PRO A 225 20.48 -16.24 17.14
CA PRO A 225 20.17 -16.80 18.46
C PRO A 225 20.52 -15.82 19.62
N LYS A 226 21.68 -15.19 19.56
CA LYS A 226 21.93 -14.06 20.45
C LYS A 226 22.70 -12.94 19.74
N GLY A 227 22.30 -11.72 20.01
CA GLY A 227 22.99 -10.58 19.41
C GLY A 227 21.97 -9.71 18.74
N ASP A 228 22.45 -8.75 17.95
CA ASP A 228 21.62 -7.65 17.43
C ASP A 228 20.97 -8.01 16.12
N PRO A 229 19.80 -7.44 15.85
CA PRO A 229 19.14 -7.83 14.59
C PRO A 229 19.77 -7.24 13.32
N VAL A 230 19.51 -7.93 12.22
CA VAL A 230 19.83 -7.45 10.89
C VAL A 230 18.53 -6.98 10.24
N VAL A 231 18.57 -5.85 9.57
CA VAL A 231 17.42 -5.40 8.76
C VAL A 231 17.83 -5.52 7.30
N LEU A 232 17.01 -6.18 6.48
CA LEU A 232 17.39 -6.30 5.06
C LEU A 232 16.24 -6.25 4.11
N ALA A 233 16.54 -5.82 2.90
CA ALA A 233 15.59 -5.83 1.80
C ALA A 233 16.22 -6.48 0.63
N VAL A 234 15.50 -7.41 0.06
CA VAL A 234 15.89 -8.11 -1.17
C VAL A 234 14.78 -7.85 -2.17
N LEU A 235 15.07 -7.04 -3.19
CA LEU A 235 14.10 -6.70 -4.24
C LEU A 235 14.57 -7.27 -5.54
N SER A 236 13.62 -7.61 -6.39
CA SER A 236 14.00 -8.14 -7.70
C SER A 236 12.99 -7.82 -8.75
N SER A 237 13.42 -7.78 -10.01
CA SER A 237 12.45 -7.65 -11.13
C SER A 237 13.07 -8.26 -12.38
N ARG A 238 12.28 -8.28 -13.43
CA ARG A 238 12.70 -8.96 -14.65
C ARG A 238 12.39 -8.08 -15.86
N ASP A 239 12.82 -8.51 -17.04
CA ASP A 239 12.76 -7.63 -18.24
C ASP A 239 11.36 -7.48 -18.84
N LYS A 240 10.53 -8.53 -18.73
CA LYS A 240 9.27 -8.58 -19.49
C LYS A 240 8.10 -8.39 -18.57
N LYS A 241 7.09 -7.70 -19.08
CA LYS A 241 5.97 -7.27 -18.27
C LYS A 241 5.28 -8.44 -17.57
N ASP A 242 5.09 -9.55 -18.31
CA ASP A 242 4.34 -10.68 -17.78
C ASP A 242 5.21 -11.77 -17.13
N ALA A 243 6.45 -11.42 -16.82
CA ALA A 243 7.36 -12.41 -16.31
C ALA A 243 6.87 -13.03 -14.99
N LYS A 244 7.21 -14.29 -14.78
CA LYS A 244 7.01 -14.97 -13.51
C LYS A 244 8.21 -14.68 -12.60
N TYR A 245 8.12 -15.01 -11.31
CA TYR A 245 9.24 -14.89 -10.38
C TYR A 245 9.55 -16.25 -9.76
N ASP A 246 10.71 -16.33 -9.12
CA ASP A 246 11.12 -17.52 -8.44
C ASP A 246 11.68 -17.06 -7.06
N ASP A 247 10.95 -17.46 -6.02
CA ASP A 247 11.33 -17.15 -4.64
C ASP A 247 12.72 -17.59 -4.30
N LYS A 248 13.19 -18.64 -4.97
CA LYS A 248 14.54 -19.12 -4.71
C LYS A 248 15.60 -18.02 -4.95
N LEU A 249 15.36 -17.08 -5.85
CA LEU A 249 16.34 -15.99 -6.08
C LEU A 249 16.53 -15.22 -4.78
N ILE A 250 15.44 -15.00 -4.08
CA ILE A 250 15.53 -14.19 -2.85
C ILE A 250 16.20 -14.99 -1.73
N ALA A 251 15.83 -16.25 -1.60
CA ALA A 251 16.46 -17.12 -0.60
C ALA A 251 17.96 -17.22 -0.81
N GLU A 252 18.37 -17.40 -2.07
CA GLU A 252 19.79 -17.52 -2.39
C GLU A 252 20.47 -16.21 -2.18
N ALA A 253 19.86 -15.07 -2.52
CA ALA A 253 20.50 -13.76 -2.27
C ALA A 253 20.67 -13.53 -0.77
N THR A 254 19.75 -13.99 0.02
CA THR A 254 19.80 -13.91 1.48
C THR A 254 20.97 -14.72 2.00
N LYS A 255 21.21 -15.91 1.45
CA LYS A 255 22.38 -16.70 1.85
C LYS A 255 23.69 -15.96 1.58
N VAL A 256 23.77 -15.22 0.47
CA VAL A 256 25.01 -14.48 0.16
C VAL A 256 25.17 -13.36 1.17
N VAL A 257 24.12 -12.60 1.45
CA VAL A 257 24.11 -11.56 2.47
C VAL A 257 24.60 -12.08 3.82
N MET A 258 24.14 -13.23 4.23
CA MET A 258 24.45 -13.77 5.55
C MET A 258 25.92 -14.19 5.68
N LYS A 259 26.50 -14.65 4.56
CA LYS A 259 27.92 -15.01 4.49
C LYS A 259 28.70 -13.74 4.68
N ALA A 260 28.29 -12.70 3.97
CA ALA A 260 28.96 -11.40 3.98
C ALA A 260 28.92 -10.76 5.36
N LEU A 261 27.80 -10.92 6.06
CA LEU A 261 27.68 -10.39 7.40
C LEU A 261 28.44 -11.17 8.50
N ASN A 262 28.56 -12.49 8.36
CA ASN A 262 29.09 -13.34 9.44
C ASN A 262 30.59 -13.59 9.30
N VAL B 2 -26.04 7.17 8.34
CA VAL B 2 -25.36 8.03 7.31
C VAL B 2 -25.42 7.40 5.91
N GLN B 3 -25.56 8.26 4.91
CA GLN B 3 -25.68 7.85 3.51
C GLN B 3 -24.85 8.79 2.64
N LEU B 4 -24.58 8.35 1.42
CA LEU B 4 -24.01 9.18 0.37
C LEU B 4 -25.01 9.34 -0.76
N GLN B 5 -25.27 10.58 -1.15
CA GLN B 5 -26.16 10.87 -2.26
C GLN B 5 -25.36 11.33 -3.49
N GLU B 6 -25.44 10.57 -4.57
CA GLU B 6 -24.86 10.98 -5.84
C GLU B 6 -25.82 11.72 -6.76
N SER B 7 -25.25 12.62 -7.54
CA SER B 7 -25.98 13.19 -8.65
C SER B 7 -25.07 13.62 -9.79
N GLY B 8 -25.67 14.00 -10.91
CA GLY B 8 -24.92 14.55 -12.03
C GLY B 8 -24.56 13.67 -13.22
N GLY B 9 -25.11 12.47 -13.34
CA GLY B 9 -24.64 11.64 -14.49
C GLY B 9 -25.26 11.99 -15.85
N GLY B 10 -24.98 11.15 -16.84
CA GLY B 10 -25.79 11.11 -18.04
C GLY B 10 -25.00 10.89 -19.31
N LEU B 11 -25.58 11.32 -20.43
CA LEU B 11 -25.03 11.09 -21.74
C LEU B 11 -24.47 12.40 -22.25
N VAL B 12 -23.28 12.34 -22.82
CA VAL B 12 -22.63 13.51 -23.34
C VAL B 12 -21.90 13.07 -24.64
N GLN B 13 -21.67 14.01 -25.55
CA GLN B 13 -20.89 13.75 -26.74
C GLN B 13 -19.38 13.76 -26.44
N PRO B 14 -18.59 13.05 -27.26
CA PRO B 14 -17.17 13.09 -27.11
C PRO B 14 -16.69 14.52 -27.12
N GLY B 15 -15.75 14.80 -26.22
CA GLY B 15 -15.28 16.15 -26.03
C GLY B 15 -15.99 16.93 -24.96
N GLY B 16 -17.17 16.48 -24.55
CA GLY B 16 -18.01 17.22 -23.61
C GLY B 16 -17.59 17.11 -22.17
N SER B 17 -18.45 17.60 -21.28
CA SER B 17 -18.12 17.70 -19.86
C SER B 17 -19.35 17.44 -19.00
N LEU B 18 -19.07 17.10 -17.75
CA LEU B 18 -20.06 16.79 -16.73
C LEU B 18 -19.46 17.10 -15.37
N ARG B 19 -20.32 17.34 -14.38
CA ARG B 19 -19.85 17.33 -13.02
CA ARG B 19 -19.87 17.38 -13.00
C ARG B 19 -20.71 16.40 -12.20
N LEU B 20 -20.05 15.51 -11.48
CA LEU B 20 -20.74 14.61 -10.56
C LEU B 20 -20.58 15.20 -9.16
N SER B 21 -21.57 14.99 -8.32
CA SER B 21 -21.47 15.43 -6.95
C SER B 21 -21.80 14.25 -6.03
N CYS B 22 -21.23 14.24 -4.84
CA CYS B 22 -21.54 13.20 -3.86
C CYS B 22 -21.57 13.87 -2.49
N ALA B 23 -22.72 13.82 -1.82
CA ALA B 23 -22.88 14.51 -0.55
C ALA B 23 -23.14 13.50 0.56
N ALA B 24 -22.42 13.62 1.68
CA ALA B 24 -22.64 12.74 2.81
C ALA B 24 -23.65 13.37 3.76
N SER B 25 -24.60 12.59 4.25
CA SER B 25 -25.56 13.13 5.20
C SER B 25 -25.69 12.18 6.39
N GLY B 26 -26.37 12.66 7.43
CA GLY B 26 -26.45 11.92 8.67
C GLY B 26 -25.54 12.52 9.71
N SER B 27 -25.45 11.84 10.83
CA SER B 27 -24.69 12.29 11.98
C SER B 27 -23.21 11.96 11.82
N ILE B 28 -22.51 12.75 11.01
CA ILE B 28 -21.12 12.48 10.63
C ILE B 28 -20.13 13.22 11.52
N SER B 29 -19.17 12.48 12.05
CA SER B 29 -18.15 13.10 12.91
C SER B 29 -16.99 13.62 12.10
N SER B 30 -16.48 12.77 11.22
CA SER B 30 -15.38 13.16 10.33
C SER B 30 -15.35 12.29 9.09
N ILE B 31 -14.63 12.76 8.08
CA ILE B 31 -14.42 12.04 6.83
C ILE B 31 -12.94 12.14 6.50
N THR B 32 -12.32 11.00 6.17
CA THR B 32 -10.90 11.06 5.70
C THR B 32 -10.87 11.23 4.20
N THR B 33 -10.93 10.14 3.43
CA THR B 33 -10.87 10.20 1.98
C THR B 33 -12.31 10.21 1.40
N MET B 34 -12.49 10.90 0.27
CA MET B 34 -13.79 10.87 -0.47
C MET B 34 -13.41 10.85 -1.92
N GLY B 35 -14.13 10.11 -2.73
CA GLY B 35 -13.72 10.14 -4.12
C GLY B 35 -14.55 9.23 -4.95
N TRP B 36 -14.04 8.94 -6.14
N TRP B 36 -14.18 9.08 -6.22
CA TRP B 36 -14.81 8.33 -7.21
CA TRP B 36 -14.92 8.23 -7.16
C TRP B 36 -14.06 7.17 -7.78
C TRP B 36 -14.08 7.15 -7.72
N TYR B 37 -14.74 6.04 -7.96
CA TYR B 37 -14.22 4.88 -8.61
C TYR B 37 -15.08 4.68 -9.88
N ARG B 38 -14.57 3.91 -10.81
CA ARG B 38 -15.42 3.48 -11.92
C ARG B 38 -15.15 2.06 -12.24
N GLN B 39 -16.15 1.47 -12.86
CA GLN B 39 -16.07 0.11 -13.41
C GLN B 39 -16.23 0.22 -14.92
N ASP B 40 -15.17 -0.15 -15.65
CA ASP B 40 -15.21 -0.24 -17.12
C ASP B 40 -16.16 -1.30 -17.66
N GLY B 44 -11.53 -2.98 -15.78
CA GLY B 44 -12.25 -3.30 -14.54
C GLY B 44 -12.40 -2.16 -13.54
N ARG B 45 -12.29 -2.46 -12.25
CA ARG B 45 -12.48 -1.45 -11.19
C ARG B 45 -11.25 -0.58 -11.05
N GLU B 46 -11.43 0.74 -11.06
CA GLU B 46 -10.27 1.59 -10.83
C GLU B 46 -10.67 2.84 -10.08
N LEU B 47 -9.73 3.34 -9.28
CA LEU B 47 -9.87 4.64 -8.65
C LEU B 47 -9.90 5.68 -9.81
N VAL B 48 -10.82 6.63 -9.75
CA VAL B 48 -10.80 7.78 -10.69
C VAL B 48 -10.11 8.98 -10.04
N ALA B 49 -10.61 9.40 -8.87
CA ALA B 49 -10.02 10.51 -8.19
C ALA B 49 -10.38 10.41 -6.73
N LEU B 50 -9.46 10.80 -5.87
CA LEU B 50 -9.66 10.83 -4.43
C LEU B 50 -9.14 12.14 -3.86
N ILE B 51 -9.79 12.62 -2.81
CA ILE B 51 -9.30 13.82 -2.11
C ILE B 51 -9.52 13.62 -0.63
N ASN B 52 -8.51 13.97 0.16
CA ASN B 52 -8.64 13.81 1.62
C ASN B 52 -9.08 15.09 2.32
N SER B 53 -9.09 15.07 3.65
CA SER B 53 -9.64 16.17 4.41
C SER B 53 -8.71 17.41 4.39
N VAL B 54 -7.48 17.25 3.94
CA VAL B 54 -6.57 18.41 3.88
C VAL B 54 -6.23 18.73 2.43
N GLY B 55 -7.10 18.26 1.52
CA GLY B 55 -7.02 18.63 0.11
C GLY B 55 -5.99 17.91 -0.78
N ASP B 56 -5.39 16.84 -0.29
CA ASP B 56 -4.47 16.04 -1.09
C ASP B 56 -5.25 15.19 -2.10
N THR B 57 -4.87 15.29 -3.37
CA THR B 57 -5.55 14.60 -4.46
C THR B 57 -4.77 13.44 -5.04
N THR B 58 -5.49 12.48 -5.59
CA THR B 58 -4.92 11.32 -6.28
C THR B 58 -5.82 11.16 -7.51
N TYR B 59 -5.25 11.05 -8.70
CA TYR B 59 -6.05 10.89 -9.93
C TYR B 59 -5.55 9.66 -10.65
N ALA B 60 -6.44 8.89 -11.30
CA ALA B 60 -6.02 7.86 -12.24
C ALA B 60 -5.15 8.52 -13.31
N GLY B 61 -4.10 7.81 -13.70
CA GLY B 61 -3.23 8.32 -14.78
C GLY B 61 -3.99 8.70 -16.05
N SER B 62 -5.06 7.96 -16.39
CA SER B 62 -5.82 8.23 -17.62
C SER B 62 -6.71 9.45 -17.56
N VAL B 63 -6.94 10.01 -16.37
CA VAL B 63 -7.80 11.17 -16.27
C VAL B 63 -7.10 12.46 -15.84
N LYS B 64 -5.88 12.33 -15.33
CA LYS B 64 -5.17 13.50 -14.80
C LYS B 64 -5.03 14.59 -15.88
N GLY B 65 -5.39 15.80 -15.52
CA GLY B 65 -5.34 16.91 -16.48
C GLY B 65 -6.67 17.17 -17.19
N ARG B 66 -7.57 16.17 -17.18
CA ARG B 66 -8.94 16.30 -17.69
C ARG B 66 -10.03 16.37 -16.65
N PHE B 67 -9.79 15.72 -15.51
CA PHE B 67 -10.82 15.62 -14.47
C PHE B 67 -10.28 16.37 -13.26
N THR B 68 -11.16 17.07 -12.54
CA THR B 68 -10.73 17.77 -11.35
C THR B 68 -11.63 17.37 -10.21
N ILE B 69 -11.06 16.91 -9.10
CA ILE B 69 -11.88 16.61 -7.91
C ILE B 69 -11.75 17.76 -6.92
N SER B 70 -12.85 18.16 -6.31
CA SER B 70 -12.76 19.15 -5.23
C SER B 70 -13.69 18.74 -4.10
N ARG B 71 -13.55 19.42 -2.98
CA ARG B 71 -14.25 19.05 -1.78
C ARG B 71 -14.64 20.26 -0.97
N ASP B 72 -15.82 20.20 -0.37
CA ASP B 72 -16.27 21.20 0.57
C ASP B 72 -16.44 20.52 1.93
N ASN B 73 -15.40 20.65 2.78
CA ASN B 73 -15.38 20.04 4.10
C ASN B 73 -16.61 20.41 4.91
N ALA B 74 -16.95 21.70 4.93
CA ALA B 74 -18.09 22.21 5.69
C ALA B 74 -19.41 21.52 5.31
N LYS B 75 -19.52 21.11 4.05
CA LYS B 75 -20.76 20.48 3.55
C LYS B 75 -20.61 18.96 3.34
N ASN B 76 -19.47 18.41 3.71
CA ASN B 76 -19.18 16.97 3.45
C ASN B 76 -19.58 16.52 2.03
N THR B 77 -19.15 17.30 1.05
CA THR B 77 -19.52 17.04 -0.34
C THR B 77 -18.27 17.07 -1.20
N VAL B 78 -18.20 16.13 -2.14
CA VAL B 78 -17.10 16.05 -3.08
C VAL B 78 -17.68 16.22 -4.48
N TYR B 79 -16.91 16.83 -5.37
CA TYR B 79 -17.34 17.08 -6.76
C TYR B 79 -16.29 16.53 -7.69
N LEU B 80 -16.72 15.91 -8.79
CA LEU B 80 -15.80 15.50 -9.86
C LEU B 80 -16.16 16.20 -11.17
N GLU B 81 -15.33 17.14 -11.57
CA GLU B 81 -15.55 17.80 -12.83
C GLU B 81 -14.85 16.95 -13.91
N MET B 82 -15.56 16.62 -14.98
CA MET B 82 -15.00 15.82 -16.04
C MET B 82 -15.02 16.64 -17.32
N SER B 83 -13.86 16.79 -17.94
CA SER B 83 -13.78 17.49 -19.20
C SER B 83 -13.15 16.62 -20.28
N SER B 84 -13.29 17.05 -21.55
CA SER B 84 -12.69 16.33 -22.68
C SER B 84 -12.99 14.82 -22.64
N LEU B 85 -14.25 14.51 -22.32
CA LEU B 85 -14.68 13.11 -22.21
C LEU B 85 -14.49 12.31 -23.49
N LYS B 86 -14.11 11.05 -23.32
CA LYS B 86 -13.85 10.15 -24.43
C LYS B 86 -14.78 8.95 -24.28
N PRO B 87 -15.06 8.26 -25.40
CA PRO B 87 -15.84 7.00 -25.31
C PRO B 87 -15.27 6.02 -24.24
N GLU B 88 -13.95 5.97 -24.08
CA GLU B 88 -13.31 5.05 -23.11
C GLU B 88 -13.65 5.42 -21.65
N ASP B 89 -14.20 6.62 -21.43
CA ASP B 89 -14.64 7.04 -20.07
C ASP B 89 -16.07 6.55 -19.72
N THR B 90 -16.75 5.93 -20.68
CA THR B 90 -18.07 5.43 -20.42
C THR B 90 -18.00 4.36 -19.34
N ALA B 91 -18.73 4.56 -18.24
CA ALA B 91 -18.62 3.66 -17.08
C ALA B 91 -19.70 4.00 -16.08
N VAL B 92 -19.86 3.09 -15.11
CA VAL B 92 -20.57 3.44 -13.87
C VAL B 92 -19.54 4.05 -12.93
N TYR B 93 -19.80 5.28 -12.47
CA TYR B 93 -18.94 6.01 -11.52
C TYR B 93 -19.64 5.95 -10.18
N TYR B 94 -18.90 5.70 -9.12
CA TYR B 94 -19.51 5.56 -7.81
C TYR B 94 -18.61 6.13 -6.76
N CYS B 95 -19.25 6.79 -5.81
CA CYS B 95 -18.58 7.56 -4.80
CA CYS B 95 -18.48 7.53 -4.82
C CYS B 95 -18.28 6.74 -3.55
N ASN B 96 -17.14 7.01 -2.91
CA ASN B 96 -16.74 6.36 -1.65
C ASN B 96 -16.36 7.44 -0.68
N ALA B 97 -16.77 7.30 0.58
CA ALA B 97 -16.27 8.18 1.66
C ALA B 97 -15.95 7.30 2.84
N PHE B 98 -14.76 7.53 3.40
CA PHE B 98 -14.34 6.85 4.61
C PHE B 98 -14.68 7.74 5.80
N MET B 99 -15.71 7.35 6.57
CA MET B 99 -16.30 8.25 7.52
C MET B 99 -16.41 7.66 8.90
N SER B 100 -16.48 8.58 9.87
CA SER B 100 -16.83 8.24 11.23
C SER B 100 -18.08 8.96 11.61
N THR B 101 -18.94 8.29 12.37
CA THR B 101 -20.22 8.85 12.79
C THR B 101 -20.18 9.24 14.25
N ASN B 102 -21.17 10.03 14.66
CA ASN B 102 -21.22 10.45 16.02
C ASN B 102 -21.60 9.29 16.93
N SER B 103 -22.21 8.25 16.37
CA SER B 103 -22.56 7.09 17.20
C SER B 103 -21.35 6.16 17.40
N GLY B 104 -20.21 6.54 16.84
CA GLY B 104 -18.99 5.76 17.01
C GLY B 104 -18.75 4.68 15.97
N ARG B 105 -19.55 4.68 14.90
CA ARG B 105 -19.28 3.80 13.77
C ARG B 105 -18.28 4.46 12.81
N THR B 106 -17.45 3.62 12.21
CA THR B 106 -16.46 4.07 11.21
C THR B 106 -16.50 3.08 10.05
N GLY B 107 -16.39 3.57 8.82
CA GLY B 107 -16.28 2.62 7.71
C GLY B 107 -16.14 3.27 6.37
N SER B 108 -16.13 2.39 5.38
CA SER B 108 -16.04 2.79 3.99
C SER B 108 -17.46 2.72 3.46
N PHE B 109 -17.98 3.89 3.13
CA PHE B 109 -19.41 3.98 2.66
C PHE B 109 -19.42 4.31 1.18
N TRP B 110 -20.49 3.85 0.51
CA TRP B 110 -20.57 4.01 -0.94
C TRP B 110 -21.88 4.59 -1.40
N GLY B 111 -21.81 5.40 -2.46
CA GLY B 111 -23.05 5.83 -3.15
C GLY B 111 -23.60 4.76 -4.09
N GLN B 112 -24.72 5.10 -4.71
CA GLN B 112 -25.44 4.16 -5.53
C GLN B 112 -24.87 3.92 -6.92
N GLY B 113 -23.99 4.78 -7.39
CA GLY B 113 -23.46 4.69 -8.73
C GLY B 113 -24.24 5.60 -9.66
N THR B 114 -23.56 6.08 -10.68
CA THR B 114 -24.05 7.08 -11.63
C THR B 114 -23.45 6.68 -13.00
N GLN B 115 -24.29 6.50 -13.99
CA GLN B 115 -23.79 6.19 -15.33
C GLN B 115 -23.35 7.44 -16.03
N VAL B 116 -22.17 7.36 -16.63
CA VAL B 116 -21.75 8.41 -17.55
C VAL B 116 -21.53 7.71 -18.88
N THR B 117 -22.23 8.15 -19.92
CA THR B 117 -22.09 7.54 -21.23
C THR B 117 -21.54 8.60 -22.20
N VAL B 118 -20.44 8.27 -22.89
CA VAL B 118 -19.84 9.22 -23.83
C VAL B 118 -19.95 8.69 -25.24
N SER B 119 -20.84 9.28 -26.05
CA SER B 119 -21.16 8.69 -27.36
C SER B 119 -21.70 9.76 -28.35
N SER B 120 -21.33 9.65 -29.65
CA SER B 120 -21.82 10.53 -30.75
C SER B 120 -23.30 10.36 -31.03
CL CL C . -9.74 1.06 -3.12
CL CL D . -7.68 12.86 5.77
#